data_6AYQ
#
_entry.id   6AYQ
#
_cell.length_a   37.130
_cell.length_b   90.092
_cell.length_c   67.826
_cell.angle_alpha   90.00
_cell.angle_beta   104.56
_cell.angle_gamma   90.00
#
_symmetry.space_group_name_H-M   'P 1 21 1'
#
loop_
_entity.id
_entity.type
_entity.pdbx_description
1 polymer "5'-methylthioadenosine/S-adenosylhomocysteine nucleosidase"
2 non-polymer (3R,4S)-1-[(4-AMINO-5H-PYRROLO[3,2-D]PYRIMIDIN-7-YL)METHYL]-4-[(METHYLSULFANYL)METHYL]PYRROLIDIN-3-OL
3 non-polymer GLYCEROL
4 water water
#
_entity_poly.entity_id   1
_entity_poly.type   'polypeptide(L)'
_entity_poly.pdbx_seq_one_letter_code
;MGHHHHHHSGMKIAILGAMSEEITPLLETLKDYTKIEHANNTYYFAKYKDHELVLAYSKIGKVNSTLSASVMIEKFGAQV
LLFTGVAGAFNPELEIGDLLYATKLAQYDLDITAFGHPLGFVPGNEIFIKTDEKLNNLALEVAKELNIKLRAGIIATGDE
FICDEAKKAKIREIFNADACEMEGASVALVCDALKVPCFILRAMSDKAGEKAEFDFDEFVINSAKISANFVLKMCEKL
;
_entity_poly.pdbx_strand_id   A,B
#
loop_
_chem_comp.id
_chem_comp.type
_chem_comp.name
_chem_comp.formula
GOL non-polymer GLYCEROL 'C3 H8 O3'
TDI non-polymer (3R,4S)-1-[(4-AMINO-5H-PYRROLO[3,2-D]PYRIMIDIN-7-YL)METHYL]-4-[(METHYLSULFANYL)METHYL]PYRROLIDIN-3-OL 'C13 H19 N5 O S'
#
# COMPACT_ATOMS: atom_id res chain seq x y z
N GLY A 10 -20.21 23.05 1.36
CA GLY A 10 -18.73 23.04 1.63
C GLY A 10 -18.06 21.73 1.25
N MET A 11 -16.75 21.77 1.05
CA MET A 11 -16.01 20.58 0.65
CA MET A 11 -15.96 20.61 0.68
C MET A 11 -15.97 19.56 1.78
N LYS A 12 -16.10 18.28 1.40
CA LYS A 12 -16.03 17.17 2.35
C LYS A 12 -14.55 16.88 2.61
N ILE A 13 -14.15 16.93 3.88
CA ILE A 13 -12.73 16.85 4.27
C ILE A 13 -12.46 15.52 4.93
N ALA A 14 -11.40 14.84 4.50
CA ALA A 14 -10.90 13.66 5.21
C ALA A 14 -9.68 14.08 6.02
N ILE A 15 -9.62 13.60 7.26
CA ILE A 15 -8.45 13.77 8.10
C ILE A 15 -7.98 12.39 8.49
N LEU A 16 -6.72 12.09 8.15
CA LEU A 16 -6.18 10.75 8.32
C LEU A 16 -4.87 10.81 9.10
N GLY A 17 -4.72 9.87 10.02
CA GLY A 17 -3.46 9.60 10.71
C GLY A 17 -3.20 8.10 10.63
N ALA A 18 -2.09 7.65 11.22
CA ALA A 18 -1.76 6.22 11.22
C ALA A 18 -2.16 5.54 12.51
N MET A 19 -1.93 6.21 13.64
CA MET A 19 -2.15 5.62 14.97
C MET A 19 -3.25 6.34 15.71
N SER A 20 -3.86 5.65 16.67
CA SER A 20 -4.89 6.26 17.51
CA SER A 20 -4.87 6.24 17.56
C SER A 20 -4.39 7.55 18.17
N GLU A 21 -3.12 7.58 18.59
CA GLU A 21 -2.53 8.79 19.21
C GLU A 21 -2.60 10.02 18.31
N GLU A 22 -2.57 9.79 17.01
CA GLU A 22 -2.58 10.87 16.03
C GLU A 22 -3.98 11.44 15.73
N ILE A 23 -5.03 10.67 16.01
CA ILE A 23 -6.41 11.06 15.66
C ILE A 23 -7.32 11.25 16.89
N THR A 24 -7.08 10.53 17.97
CA THR A 24 -7.86 10.69 19.20
C THR A 24 -7.92 12.13 19.71
N PRO A 25 -6.83 12.93 19.63
CA PRO A 25 -6.99 14.33 20.02
C PRO A 25 -8.10 15.09 19.25
N LEU A 26 -8.27 14.78 17.96
CA LEU A 26 -9.35 15.38 17.17
C LEU A 26 -10.70 14.88 17.61
N LEU A 27 -10.82 13.58 17.84
CA LEU A 27 -12.07 13.00 18.33
C LEU A 27 -12.50 13.62 19.66
N GLU A 28 -11.53 13.86 20.54
CA GLU A 28 -11.83 14.46 21.85
C GLU A 28 -12.28 15.91 21.74
N THR A 29 -11.69 16.65 20.82
CA THR A 29 -12.09 18.03 20.53
C THR A 29 -13.48 18.10 19.91
N LEU A 30 -13.77 17.19 18.98
CA LEU A 30 -15.07 17.15 18.31
C LEU A 30 -16.17 16.71 19.27
N LYS A 31 -15.86 15.78 20.16
CA LYS A 31 -16.79 15.23 21.17
C LYS A 31 -17.90 14.36 20.58
N ASP A 32 -18.64 14.89 19.61
CA ASP A 32 -19.77 14.23 18.98
C ASP A 32 -19.45 13.77 17.56
N TYR A 33 -19.63 12.48 17.31
CA TYR A 33 -19.34 11.87 16.02
C TYR A 33 -20.04 10.53 15.89
N THR A 34 -20.15 10.05 14.65
CA THR A 34 -20.75 8.75 14.35
C THR A 34 -19.64 7.81 13.88
N LYS A 35 -19.55 6.65 14.52
CA LYS A 35 -18.56 5.61 14.16
C LYS A 35 -19.17 4.61 13.19
N ILE A 36 -18.44 4.29 12.13
CA ILE A 36 -18.86 3.28 11.15
C ILE A 36 -17.72 2.29 10.94
N GLU A 37 -17.99 1.01 11.14
CA GLU A 37 -17.00 -0.02 10.89
C GLU A 37 -16.97 -0.33 9.39
N HIS A 38 -15.76 -0.27 8.80
CA HIS A 38 -15.57 -0.56 7.38
C HIS A 38 -14.09 -0.85 7.14
N ALA A 39 -13.79 -1.75 6.20
CA ALA A 39 -12.39 -2.03 5.81
C ALA A 39 -11.51 -2.41 7.02
N ASN A 40 -12.10 -3.23 7.90
CA ASN A 40 -11.45 -3.70 9.14
C ASN A 40 -10.89 -2.54 9.97
N ASN A 41 -11.72 -1.51 10.14
CA ASN A 41 -11.30 -0.28 10.81
C ASN A 41 -12.57 0.51 11.15
N THR A 42 -12.39 1.61 11.88
CA THR A 42 -13.48 2.53 12.18
C THR A 42 -13.25 3.87 11.48
N TYR A 43 -14.30 4.38 10.83
CA TYR A 43 -14.31 5.70 10.17
C TYR A 43 -15.31 6.55 10.93
N TYR A 44 -14.88 7.76 11.26
CA TYR A 44 -15.60 8.67 12.13
C TYR A 44 -16.15 9.84 11.33
N PHE A 45 -17.41 10.17 11.55
CA PHE A 45 -18.11 11.19 10.78
C PHE A 45 -18.57 12.26 11.75
N ALA A 46 -18.15 13.49 11.49
CA ALA A 46 -18.41 14.60 12.39
C ALA A 46 -18.59 15.87 11.60
N LYS A 47 -19.22 16.84 12.25
CA LYS A 47 -19.37 18.19 11.75
C LYS A 47 -18.57 19.10 12.67
N TYR A 48 -17.65 19.87 12.10
CA TYR A 48 -16.79 20.78 12.87
C TYR A 48 -16.93 22.17 12.29
N LYS A 49 -17.42 23.11 13.08
CA LYS A 49 -17.67 24.48 12.60
C LYS A 49 -18.32 24.48 11.21
N ASP A 50 -19.33 23.64 11.08
CA ASP A 50 -20.13 23.42 9.87
C ASP A 50 -19.40 22.82 8.65
N HIS A 51 -18.26 22.16 8.90
CA HIS A 51 -17.53 21.41 7.89
C HIS A 51 -17.82 19.94 8.13
N GLU A 52 -18.17 19.20 7.08
CA GLU A 52 -18.34 17.75 7.18
C GLU A 52 -17.00 17.03 7.07
N LEU A 53 -16.68 16.24 8.09
CA LEU A 53 -15.40 15.53 8.19
C LEU A 53 -15.60 14.03 8.21
N VAL A 54 -14.64 13.33 7.61
CA VAL A 54 -14.44 11.90 7.84
C VAL A 54 -13.03 11.73 8.38
N LEU A 55 -12.90 11.05 9.51
CA LEU A 55 -11.60 10.84 10.16
C LEU A 55 -11.34 9.38 10.36
N ALA A 56 -10.06 9.01 10.40
CA ALA A 56 -9.65 7.65 10.73
C ALA A 56 -8.17 7.64 11.06
N TYR A 57 -7.76 6.64 11.83
CA TYR A 57 -6.36 6.24 11.83
C TYR A 57 -6.26 4.91 11.07
N SER A 58 -5.30 4.84 10.17
CA SER A 58 -5.22 3.74 9.20
C SER A 58 -4.67 2.44 9.74
N LYS A 59 -3.95 2.50 10.85
CA LYS A 59 -2.95 1.52 11.28
C LYS A 59 -1.66 1.75 10.50
N ILE A 60 -0.58 1.25 11.06
CA ILE A 60 0.77 1.64 10.61
C ILE A 60 1.10 1.13 9.22
N GLY A 61 1.77 1.98 8.43
CA GLY A 61 2.45 1.55 7.22
C GLY A 61 1.78 1.87 5.91
N LYS A 62 2.45 1.47 4.84
CA LYS A 62 2.07 1.88 3.49
C LYS A 62 0.78 1.25 3.01
N VAL A 63 0.61 -0.05 3.21
CA VAL A 63 -0.59 -0.73 2.76
C VAL A 63 -1.82 -0.23 3.54
N ASN A 64 -1.72 -0.19 4.87
CA ASN A 64 -2.86 0.28 5.67
C ASN A 64 -3.27 1.70 5.31
N SER A 65 -2.29 2.60 5.16
CA SER A 65 -2.61 3.99 4.84
C SER A 65 -3.11 4.18 3.42
N THR A 66 -2.61 3.38 2.47
CA THR A 66 -3.16 3.39 1.11
C THR A 66 -4.63 2.99 1.10
N LEU A 67 -4.95 1.90 1.80
CA LEU A 67 -6.31 1.43 1.88
C LEU A 67 -7.22 2.50 2.50
N SER A 68 -6.80 3.11 3.60
CA SER A 68 -7.64 4.13 4.24
C SER A 68 -7.88 5.35 3.35
N ALA A 69 -6.85 5.83 2.65
CA ALA A 69 -7.03 6.98 1.78
C ALA A 69 -8.00 6.63 0.65
N SER A 70 -7.85 5.41 0.11
CA SER A 70 -8.73 4.97 -0.97
CA SER A 70 -8.72 4.94 -0.96
C SER A 70 -10.17 4.84 -0.48
N VAL A 71 -10.37 4.30 0.72
CA VAL A 71 -11.73 4.21 1.31
C VAL A 71 -12.35 5.59 1.51
N MET A 72 -11.58 6.52 2.07
CA MET A 72 -12.08 7.85 2.38
C MET A 72 -12.55 8.57 1.11
N ILE A 73 -11.87 8.34 0.00
CA ILE A 73 -12.18 8.99 -1.27
C ILE A 73 -13.20 8.17 -2.08
N GLU A 74 -12.86 6.92 -2.40
CA GLU A 74 -13.69 6.09 -3.30
C GLU A 74 -15.01 5.65 -2.69
N LYS A 75 -15.01 5.29 -1.42
CA LYS A 75 -16.25 4.92 -0.72
C LYS A 75 -16.94 6.18 -0.23
N PHE A 76 -16.29 6.95 0.64
CA PHE A 76 -16.99 8.04 1.35
C PHE A 76 -16.99 9.41 0.65
N GLY A 77 -16.32 9.53 -0.49
CA GLY A 77 -16.38 10.75 -1.30
C GLY A 77 -15.68 11.97 -0.76
N ALA A 78 -14.65 11.78 0.06
CA ALA A 78 -13.85 12.92 0.50
C ALA A 78 -13.27 13.66 -0.71
N GLN A 79 -13.28 15.00 -0.62
CA GLN A 79 -12.83 15.88 -1.71
C GLN A 79 -11.49 16.57 -1.45
N VAL A 80 -11.03 16.53 -0.20
CA VAL A 80 -9.72 17.05 0.18
C VAL A 80 -9.27 16.14 1.32
N LEU A 81 -7.96 15.88 1.41
CA LEU A 81 -7.44 15.00 2.46
C LEU A 81 -6.25 15.66 3.15
N LEU A 82 -6.34 15.76 4.48
CA LEU A 82 -5.26 16.28 5.31
C LEU A 82 -4.73 15.13 6.14
N PHE A 83 -3.43 14.86 6.05
CA PHE A 83 -2.79 13.86 6.88
C PHE A 83 -2.12 14.53 8.06
N THR A 84 -2.33 13.96 9.26
CA THR A 84 -1.74 14.45 10.49
C THR A 84 -1.07 13.31 11.25
N GLY A 85 0.13 13.57 11.74
CA GLY A 85 0.79 12.62 12.62
C GLY A 85 2.20 13.06 12.97
N VAL A 86 3.04 12.09 13.34
CA VAL A 86 4.40 12.37 13.77
C VAL A 86 5.40 11.81 12.77
N ALA A 87 6.67 12.17 12.92
CA ALA A 87 7.73 11.68 12.03
C ALA A 87 9.08 11.66 12.70
N GLY A 88 10.03 10.98 12.06
CA GLY A 88 11.41 10.97 12.45
C GLY A 88 12.20 12.03 11.72
N ALA A 89 12.84 12.93 12.46
CA ALA A 89 13.58 14.03 11.84
C ALA A 89 14.91 13.58 11.25
N PHE A 90 15.17 14.02 10.01
CA PHE A 90 16.48 13.84 9.37
C PHE A 90 17.26 15.16 9.31
N ASN A 91 16.58 16.26 9.00
CA ASN A 91 17.24 17.55 8.86
C ASN A 91 17.75 17.97 10.23
N PRO A 92 19.06 18.28 10.35
CA PRO A 92 19.63 18.63 11.67
C PRO A 92 19.00 19.85 12.35
N GLU A 93 18.34 20.72 11.59
CA GLU A 93 17.66 21.89 12.15
C GLU A 93 16.32 21.56 12.82
N LEU A 94 15.76 20.38 12.56
CA LEU A 94 14.52 19.98 13.21
C LEU A 94 14.76 19.47 14.63
N GLU A 95 13.88 19.91 15.53
CA GLU A 95 13.82 19.43 16.90
C GLU A 95 12.50 18.72 17.14
N ILE A 96 12.47 17.93 18.20
CA ILE A 96 11.26 17.25 18.61
C ILE A 96 10.14 18.27 18.86
N GLY A 97 8.98 17.98 18.28
CA GLY A 97 7.83 18.87 18.31
C GLY A 97 7.67 19.78 17.11
N ASP A 98 8.73 19.95 16.32
CA ASP A 98 8.68 20.85 15.16
C ASP A 98 7.77 20.30 14.07
N LEU A 99 7.02 21.19 13.43
CA LEU A 99 6.11 20.86 12.34
C LEU A 99 6.78 20.98 10.99
N LEU A 100 6.56 19.98 10.15
CA LEU A 100 7.05 19.95 8.80
C LEU A 100 5.90 19.54 7.89
N TYR A 101 5.64 20.31 6.85
CA TYR A 101 4.74 19.84 5.77
C TYR A 101 5.58 19.39 4.59
N ALA A 102 5.12 18.32 3.91
CA ALA A 102 5.84 17.76 2.78
C ALA A 102 5.46 18.50 1.51
N THR A 103 6.46 19.01 0.79
CA THR A 103 6.25 19.52 -0.55
C THR A 103 6.18 18.36 -1.56
N LYS A 104 7.01 17.34 -1.34
CA LYS A 104 6.91 16.11 -2.09
C LYS A 104 7.44 14.94 -1.26
N LEU A 105 7.13 13.74 -1.72
CA LEU A 105 7.42 12.51 -0.95
C LEU A 105 7.85 11.40 -1.87
N ALA A 106 8.70 10.52 -1.36
CA ALA A 106 9.16 9.35 -2.11
C ALA A 106 9.05 8.11 -1.24
N GLN A 107 8.94 6.93 -1.87
CA GLN A 107 9.05 5.65 -1.17
C GLN A 107 10.49 5.15 -1.26
N TYR A 108 11.24 5.26 -0.16
CA TYR A 108 12.66 4.89 -0.17
C TYR A 108 12.92 3.40 -0.27
N ASP A 109 11.92 2.59 0.10
CA ASP A 109 12.06 1.13 0.09
C ASP A 109 11.40 0.44 -1.10
N LEU A 110 11.02 1.20 -2.12
CA LEU A 110 10.46 0.63 -3.35
C LEU A 110 11.65 0.46 -4.28
N ASP A 111 12.08 -0.78 -4.48
CA ASP A 111 13.40 -1.07 -5.04
C ASP A 111 13.33 -2.14 -6.12
N ILE A 112 13.30 -1.71 -7.38
CA ILE A 112 13.50 -2.60 -8.53
C ILE A 112 14.72 -2.11 -9.31
N THR A 113 15.70 -1.66 -8.54
CA THR A 113 16.99 -1.16 -9.10
C THR A 113 17.76 -2.24 -9.85
N ALA A 114 17.50 -3.52 -9.58
CA ALA A 114 18.08 -4.61 -10.38
C ALA A 114 17.87 -4.46 -11.89
N PHE A 115 16.78 -3.81 -12.29
CA PHE A 115 16.48 -3.59 -13.71
C PHE A 115 16.93 -2.21 -14.22
N GLY A 116 17.73 -1.49 -13.43
CA GLY A 116 18.29 -0.20 -13.88
C GLY A 116 17.46 1.00 -13.50
N HIS A 117 16.32 0.77 -12.86
CA HIS A 117 15.46 1.86 -12.39
C HIS A 117 16.12 2.55 -11.19
N PRO A 118 15.88 3.86 -11.03
CA PRO A 118 16.36 4.49 -9.79
C PRO A 118 15.60 3.99 -8.55
N LEU A 119 16.21 4.12 -7.38
CA LEU A 119 15.52 3.75 -6.14
C LEU A 119 14.25 4.59 -6.02
N GLY A 120 13.16 3.95 -5.62
CA GLY A 120 11.89 4.62 -5.43
C GLY A 120 11.02 4.70 -6.66
N PHE A 121 11.48 4.16 -7.78
CA PHE A 121 10.78 4.24 -9.05
C PHE A 121 10.20 2.91 -9.48
N VAL A 122 8.94 2.94 -9.93
CA VAL A 122 8.41 1.88 -10.77
C VAL A 122 7.78 2.51 -12.01
N PRO A 123 7.82 1.79 -13.15
CA PRO A 123 7.19 2.31 -14.37
C PRO A 123 5.73 2.73 -14.20
N GLY A 124 5.39 3.88 -14.74
CA GLY A 124 4.05 4.43 -14.69
C GLY A 124 3.85 5.46 -13.59
N ASN A 125 4.77 5.53 -12.62
CA ASN A 125 4.72 6.45 -11.50
C ASN A 125 5.93 7.37 -11.47
N GLU A 126 5.93 8.31 -10.53
CA GLU A 126 7.02 9.22 -10.31
C GLU A 126 7.82 8.78 -9.09
N ILE A 127 9.09 9.17 -9.05
CA ILE A 127 9.90 8.99 -7.84
C ILE A 127 9.30 9.82 -6.69
N PHE A 128 9.00 11.09 -6.97
CA PHE A 128 8.36 11.97 -5.98
C PHE A 128 6.92 12.31 -6.34
N ILE A 129 6.03 12.20 -5.35
CA ILE A 129 4.66 12.66 -5.46
C ILE A 129 4.54 14.02 -4.76
N LYS A 130 3.94 14.99 -5.44
CA LYS A 130 3.73 16.33 -4.88
C LYS A 130 2.40 16.42 -4.12
N THR A 131 2.38 17.30 -3.12
CA THR A 131 1.20 17.68 -2.39
C THR A 131 0.61 18.92 -3.03
N ASP A 132 -0.58 19.32 -2.58
CA ASP A 132 -1.34 20.39 -3.22
C ASP A 132 -0.81 21.79 -2.84
N GLU A 133 -0.48 22.58 -3.86
CA GLU A 133 0.06 23.93 -3.64
C GLU A 133 -0.86 24.86 -2.84
N LYS A 134 -2.14 24.87 -3.19
CA LYS A 134 -3.10 25.73 -2.50
C LYS A 134 -3.24 25.36 -1.02
N LEU A 135 -3.29 24.06 -0.72
CA LEU A 135 -3.32 23.62 0.69
C LEU A 135 -2.05 24.00 1.45
N ASN A 136 -0.89 23.83 0.80
CA ASN A 136 0.37 24.22 1.41
C ASN A 136 0.42 25.73 1.72
N ASN A 137 -0.08 26.55 0.79
CA ASN A 137 -0.17 27.99 1.03
C ASN A 137 -1.16 28.36 2.13
N LEU A 138 -2.26 27.63 2.22
CA LEU A 138 -3.18 27.76 3.35
C LEU A 138 -2.49 27.48 4.69
N ALA A 139 -1.69 26.42 4.72
CA ALA A 139 -0.95 26.08 5.94
C ALA A 139 0.01 27.20 6.35
N LEU A 140 0.69 27.79 5.38
CA LEU A 140 1.57 28.94 5.65
C LEU A 140 0.78 30.12 6.23
N GLU A 141 -0.42 30.36 5.72
CA GLU A 141 -1.31 31.39 6.29
C GLU A 141 -1.70 31.10 7.74
N VAL A 142 -2.07 29.85 8.03
CA VAL A 142 -2.44 29.44 9.38
C VAL A 142 -1.25 29.60 10.33
N ALA A 143 -0.07 29.17 9.89
CA ALA A 143 1.15 29.29 10.70
C ALA A 143 1.46 30.75 11.06
N LYS A 144 1.32 31.64 10.08
CA LYS A 144 1.49 33.08 10.33
C LYS A 144 0.44 33.61 11.30
N GLU A 145 -0.84 33.32 11.04
CA GLU A 145 -1.96 33.70 11.93
C GLU A 145 -1.75 33.33 13.38
N LEU A 146 -1.41 32.06 13.59
CA LEU A 146 -1.31 31.49 14.94
C LEU A 146 0.09 31.58 15.54
N ASN A 147 1.06 32.16 14.81
CA ASN A 147 2.44 32.30 15.27
C ASN A 147 3.05 30.94 15.60
N ILE A 148 2.92 30.01 14.65
CA ILE A 148 3.43 28.64 14.81
C ILE A 148 4.54 28.51 13.78
N LYS A 149 5.70 28.00 14.19
CA LYS A 149 6.79 27.75 13.26
C LYS A 149 6.41 26.56 12.37
N LEU A 150 6.60 26.72 11.06
CA LEU A 150 6.30 25.65 10.10
C LEU A 150 7.38 25.58 9.04
N ARG A 151 7.94 24.40 8.84
CA ARG A 151 8.97 24.16 7.84
C ARG A 151 8.39 23.34 6.68
N ALA A 152 8.84 23.65 5.46
CA ALA A 152 8.57 22.86 4.27
C ALA A 152 9.74 21.91 4.02
N GLY A 153 9.45 20.70 3.56
CA GLY A 153 10.50 19.76 3.23
C GLY A 153 10.05 18.53 2.47
N ILE A 154 11.01 17.67 2.19
CA ILE A 154 10.79 16.40 1.50
C ILE A 154 10.67 15.32 2.57
N ILE A 155 9.66 14.46 2.44
CA ILE A 155 9.48 13.33 3.35
C ILE A 155 9.75 12.03 2.61
N ALA A 156 10.52 11.13 3.24
CA ALA A 156 10.80 9.81 2.68
C ALA A 156 9.97 8.82 3.47
N THR A 157 9.22 7.99 2.75
CA THR A 157 8.30 7.03 3.34
C THR A 157 8.76 5.59 3.06
N GLY A 158 8.61 4.71 4.05
CA GLY A 158 8.89 3.30 3.86
C GLY A 158 8.33 2.52 5.02
N ASP A 159 8.37 1.20 4.93
CA ASP A 159 7.71 0.34 5.92
C ASP A 159 8.61 -0.11 7.06
N GLU A 160 9.60 0.72 7.41
CA GLU A 160 10.48 0.47 8.54
C GLU A 160 10.47 1.64 9.50
N PHE A 161 10.46 1.34 10.80
CA PHE A 161 10.76 2.34 11.80
C PHE A 161 12.27 2.54 11.81
N ILE A 162 12.72 3.73 11.39
CA ILE A 162 14.15 4.01 11.24
C ILE A 162 14.75 4.43 12.58
N CYS A 163 15.78 3.70 13.01
CA CYS A 163 16.47 4.01 14.26
C CYS A 163 17.93 3.60 14.09
N ASP A 164 18.54 4.18 13.06
CA ASP A 164 19.83 3.74 12.55
C ASP A 164 20.42 4.91 11.79
N GLU A 165 21.53 5.46 12.29
CA GLU A 165 22.14 6.66 11.71
CA GLU A 165 22.11 6.67 11.71
C GLU A 165 22.61 6.44 10.27
N ALA A 166 23.05 5.23 9.96
CA ALA A 166 23.52 4.91 8.61
C ALA A 166 22.37 4.87 7.60
N LYS A 167 21.26 4.25 8.00
CA LYS A 167 20.06 4.20 7.15
C LYS A 167 19.50 5.60 6.92
N LYS A 168 19.39 6.35 8.00
CA LYS A 168 19.01 7.76 7.93
C LYS A 168 19.90 8.55 6.97
N ALA A 169 21.22 8.39 7.11
CA ALA A 169 22.15 9.09 6.23
C ALA A 169 21.96 8.74 4.75
N LYS A 170 21.80 7.46 4.47
CA LYS A 170 21.62 6.99 3.09
C LYS A 170 20.32 7.55 2.49
N ILE A 171 19.23 7.47 3.24
CA ILE A 171 17.94 7.91 2.71
C ILE A 171 17.97 9.43 2.53
N ARG A 172 18.54 10.15 3.49
CA ARG A 172 18.69 11.61 3.34
C ARG A 172 19.48 11.94 2.07
N GLU A 173 20.61 11.25 1.86
CA GLU A 173 21.45 11.53 0.70
C GLU A 173 20.75 11.28 -0.64
N ILE A 174 20.04 10.15 -0.74
CA ILE A 174 19.43 9.78 -2.01
C ILE A 174 18.26 10.70 -2.39
N PHE A 175 17.42 11.04 -1.41
CA PHE A 175 16.17 11.74 -1.68
C PHE A 175 16.16 13.18 -1.18
N ASN A 176 17.25 13.66 -0.59
CA ASN A 176 17.28 14.98 0.10
C ASN A 176 16.12 15.11 1.09
N ALA A 177 15.85 14.03 1.82
CA ALA A 177 14.71 13.97 2.70
C ALA A 177 14.98 14.66 4.03
N ASP A 178 13.99 15.39 4.54
CA ASP A 178 14.07 16.08 5.82
C ASP A 178 13.51 15.28 6.99
N ALA A 179 12.73 14.25 6.68
CA ALA A 179 12.12 13.42 7.71
C ALA A 179 11.70 12.11 7.08
N CYS A 180 11.44 11.12 7.93
CA CYS A 180 10.90 9.85 7.49
C CYS A 180 9.63 9.49 8.24
N GLU A 181 8.82 8.65 7.59
CA GLU A 181 7.61 8.11 8.21
C GLU A 181 7.15 6.91 7.36
N MET A 182 5.97 6.34 7.64
CA MET A 182 5.58 5.07 7.04
C MET A 182 4.25 5.13 6.28
N GLU A 183 3.76 6.33 5.98
CA GLU A 183 2.43 6.51 5.38
C GLU A 183 2.29 7.65 4.38
N GLY A 184 3.16 8.66 4.38
CA GLY A 184 2.87 9.89 3.63
C GLY A 184 2.90 9.70 2.13
N ALA A 185 3.93 9.06 1.61
CA ALA A 185 4.05 8.94 0.17
C ALA A 185 2.93 8.08 -0.41
N SER A 186 2.50 7.06 0.34
CA SER A 186 1.42 6.19 -0.10
C SER A 186 0.09 6.94 -0.11
N VAL A 187 -0.18 7.69 0.94
CA VAL A 187 -1.39 8.52 0.98
C VAL A 187 -1.37 9.57 -0.15
N ALA A 188 -0.25 10.26 -0.33
CA ALA A 188 -0.12 11.25 -1.39
C ALA A 188 -0.33 10.63 -2.77
N LEU A 189 0.17 9.42 -2.98
CA LEU A 189 0.01 8.75 -4.26
C LEU A 189 -1.47 8.48 -4.54
N VAL A 190 -2.19 7.97 -3.54
CA VAL A 190 -3.63 7.72 -3.68
C VAL A 190 -4.36 9.01 -4.04
N CYS A 191 -4.07 10.08 -3.30
CA CYS A 191 -4.78 11.34 -3.54
C CYS A 191 -4.49 11.88 -4.94
N ASP A 192 -3.24 11.83 -5.36
CA ASP A 192 -2.84 12.29 -6.69
C ASP A 192 -3.55 11.47 -7.77
N ALA A 193 -3.60 10.15 -7.60
CA ALA A 193 -4.27 9.27 -8.55
C ALA A 193 -5.77 9.52 -8.67
N LEU A 194 -6.40 9.88 -7.55
CA LEU A 194 -7.84 10.11 -7.51
C LEU A 194 -8.21 11.59 -7.62
N LYS A 195 -7.24 12.43 -7.96
CA LYS A 195 -7.45 13.87 -8.20
C LYS A 195 -8.05 14.60 -7.01
N VAL A 196 -7.54 14.28 -5.81
CA VAL A 196 -7.97 14.90 -4.57
C VAL A 196 -6.78 15.65 -4.00
N PRO A 197 -6.93 16.95 -3.69
CA PRO A 197 -5.84 17.70 -3.09
C PRO A 197 -5.44 17.11 -1.74
N CYS A 198 -4.13 17.01 -1.52
CA CYS A 198 -3.56 16.34 -0.36
C CYS A 198 -2.57 17.26 0.35
N PHE A 199 -2.60 17.23 1.68
CA PHE A 199 -1.70 17.98 2.54
C PHE A 199 -1.15 16.98 3.53
N ILE A 200 0.17 16.93 3.69
CA ILE A 200 0.81 15.97 4.61
C ILE A 200 1.58 16.76 5.68
N LEU A 201 1.12 16.68 6.93
CA LEU A 201 1.75 17.37 8.06
C LEU A 201 2.31 16.38 9.07
N ARG A 202 3.53 16.63 9.51
CA ARG A 202 4.15 15.79 10.54
C ARG A 202 4.82 16.65 11.62
N ALA A 203 4.63 16.25 12.87
CA ALA A 203 5.35 16.82 14.01
C ALA A 203 6.44 15.82 14.41
N MET A 204 7.66 16.31 14.65
CA MET A 204 8.75 15.39 14.93
C MET A 204 8.56 14.74 16.32
N SER A 205 8.65 13.41 16.36
CA SER A 205 8.64 12.63 17.62
C SER A 205 10.01 12.11 18.04
N ASP A 206 10.99 12.15 17.15
CA ASP A 206 12.30 11.53 17.37
C ASP A 206 13.23 11.93 16.24
N LYS A 207 14.48 11.51 16.31
CA LYS A 207 15.49 11.86 15.32
C LYS A 207 16.01 10.67 14.51
N ALA A 208 15.26 9.56 14.54
CA ALA A 208 15.47 8.42 13.64
C ALA A 208 16.86 7.79 13.70
N GLY A 209 17.52 7.95 14.84
CA GLY A 209 18.88 7.41 15.07
C GLY A 209 18.86 6.41 16.20
N GLU A 210 20.01 6.29 16.87
CA GLU A 210 20.10 5.39 18.01
C GLU A 210 19.10 5.81 19.08
N LYS A 211 18.43 4.83 19.67
CA LYS A 211 17.39 5.02 20.69
C LYS A 211 16.16 5.83 20.22
N ALA A 212 15.91 5.89 18.91
CA ALA A 212 14.75 6.64 18.42
C ALA A 212 13.42 6.07 18.93
N GLU A 213 13.37 4.77 19.20
CA GLU A 213 12.16 4.13 19.74
C GLU A 213 11.79 4.68 21.13
N PHE A 214 12.81 5.02 21.93
CA PHE A 214 12.57 5.62 23.24
C PHE A 214 12.02 7.03 23.10
N ASP A 215 12.59 7.83 22.21
CA ASP A 215 12.08 9.18 21.99
C ASP A 215 10.67 9.15 21.42
N PHE A 216 10.43 8.24 20.47
CA PHE A 216 9.08 8.10 19.91
C PHE A 216 8.07 7.85 21.03
N ASP A 217 8.34 6.86 21.88
CA ASP A 217 7.41 6.53 22.97
C ASP A 217 7.20 7.71 23.93
N GLU A 218 8.27 8.47 24.21
CA GLU A 218 8.19 9.63 25.09
C GLU A 218 7.38 10.78 24.50
N PHE A 219 7.55 11.03 23.20
CA PHE A 219 7.04 12.26 22.59
C PHE A 219 5.87 12.11 21.61
N VAL A 220 5.50 10.88 21.27
CA VAL A 220 4.40 10.70 20.30
C VAL A 220 3.10 11.38 20.72
N ILE A 221 2.69 11.24 21.97
CA ILE A 221 1.42 11.80 22.39
C ILE A 221 1.39 13.31 22.18
N ASN A 222 2.42 14.02 22.65
CA ASN A 222 2.40 15.46 22.56
C ASN A 222 2.61 16.00 21.14
N SER A 223 3.59 15.43 20.44
CA SER A 223 3.81 15.80 19.04
C SER A 223 2.56 15.52 18.18
N ALA A 224 1.87 14.42 18.42
CA ALA A 224 0.62 14.14 17.70
C ALA A 224 -0.44 15.22 17.93
N LYS A 225 -0.56 15.72 19.17
CA LYS A 225 -1.51 16.81 19.47
C LYS A 225 -1.20 18.10 18.70
N ILE A 226 0.07 18.40 18.51
CA ILE A 226 0.50 19.64 17.84
C ILE A 226 0.07 19.60 16.38
N SER A 227 0.36 18.50 15.71
CA SER A 227 -0.04 18.33 14.31
C SER A 227 -1.57 18.29 14.17
N ALA A 228 -2.23 17.58 15.08
CA ALA A 228 -3.70 17.47 15.04
C ALA A 228 -4.39 18.84 15.16
N ASN A 229 -3.91 19.66 16.09
CA ASN A 229 -4.50 20.98 16.29
C ASN A 229 -4.35 21.81 15.03
N PHE A 230 -3.17 21.73 14.41
CA PHE A 230 -2.89 22.53 13.23
C PHE A 230 -3.84 22.17 12.09
N VAL A 231 -4.03 20.88 11.83
CA VAL A 231 -4.91 20.50 10.73
C VAL A 231 -6.36 20.89 10.99
N LEU A 232 -6.78 20.85 12.24
CA LEU A 232 -8.13 21.30 12.57
C LEU A 232 -8.30 22.79 12.29
N LYS A 233 -7.28 23.59 12.61
CA LYS A 233 -7.29 25.01 12.28
C LYS A 233 -7.32 25.25 10.76
N MET A 234 -6.64 24.42 9.98
CA MET A 234 -6.72 24.51 8.51
C MET A 234 -8.14 24.25 8.00
N CYS A 235 -8.85 23.31 8.62
CA CYS A 235 -10.23 23.03 8.23
C CYS A 235 -11.11 24.27 8.24
N GLU A 236 -10.84 25.16 9.19
CA GLU A 236 -11.61 26.40 9.30
C GLU A 236 -11.47 27.31 8.08
N LYS A 237 -10.37 27.20 7.33
CA LYS A 237 -10.15 27.97 6.11
C LYS A 237 -10.54 27.24 4.82
N LEU A 238 -11.15 26.06 4.93
CA LEU A 238 -11.57 25.26 3.78
C LEU A 238 -13.07 25.38 3.53
N MET B 11 -22.08 -13.25 -10.51
CA MET B 11 -21.28 -12.35 -9.62
C MET B 11 -20.16 -11.63 -10.39
N LYS B 12 -19.75 -10.47 -9.87
CA LYS B 12 -18.72 -9.65 -10.51
C LYS B 12 -17.33 -10.06 -10.01
N ILE B 13 -16.42 -10.35 -10.96
CA ILE B 13 -15.11 -10.93 -10.65
C ILE B 13 -14.01 -9.98 -11.07
N ALA B 14 -13.14 -9.61 -10.13
CA ALA B 14 -11.91 -8.88 -10.45
C ALA B 14 -10.78 -9.87 -10.76
N ILE B 15 -10.05 -9.58 -11.83
CA ILE B 15 -8.81 -10.26 -12.18
C ILE B 15 -7.71 -9.21 -12.22
N LEU B 16 -6.72 -9.37 -11.34
CA LEU B 16 -5.70 -8.36 -11.14
C LEU B 16 -4.32 -8.96 -11.31
N GLY B 17 -3.46 -8.27 -12.05
CA GLY B 17 -2.02 -8.52 -12.13
C GLY B 17 -1.28 -7.24 -11.80
N ALA B 18 0.06 -7.30 -11.77
CA ALA B 18 0.88 -6.11 -11.54
C ALA B 18 1.39 -5.49 -12.84
N MET B 19 1.75 -6.33 -13.81
CA MET B 19 2.37 -5.87 -15.04
C MET B 19 1.49 -6.23 -16.25
N SER B 20 1.68 -5.48 -17.34
CA SER B 20 0.91 -5.72 -18.57
CA SER B 20 0.94 -5.71 -18.59
C SER B 20 1.02 -7.18 -19.02
N GLU B 21 2.21 -7.75 -18.91
CA GLU B 21 2.46 -9.16 -19.29
C GLU B 21 1.57 -10.17 -18.55
N GLU B 22 1.13 -9.82 -17.35
CA GLU B 22 0.31 -10.70 -16.53
C GLU B 22 -1.19 -10.67 -16.87
N ILE B 23 -1.63 -9.63 -17.57
CA ILE B 23 -3.06 -9.41 -17.87
C ILE B 23 -3.39 -9.40 -19.37
N THR B 24 -2.49 -8.91 -20.21
CA THR B 24 -2.72 -8.89 -21.67
C THR B 24 -3.09 -10.27 -22.28
N PRO B 25 -2.51 -11.39 -21.76
CA PRO B 25 -3.01 -12.69 -22.25
C PRO B 25 -4.51 -12.92 -22.05
N LEU B 26 -5.09 -12.39 -20.97
CA LEU B 26 -6.53 -12.48 -20.74
C LEU B 26 -7.31 -11.57 -21.68
N LEU B 27 -6.78 -10.37 -21.93
CA LEU B 27 -7.44 -9.42 -22.85
C LEU B 27 -7.49 -9.96 -24.29
N GLU B 28 -6.41 -10.62 -24.71
CA GLU B 28 -6.37 -11.29 -26.01
C GLU B 28 -7.39 -12.46 -26.09
N THR B 29 -7.47 -13.27 -25.04
CA THR B 29 -8.44 -14.38 -24.98
C THR B 29 -9.92 -13.92 -24.93
N LEU B 30 -10.20 -12.89 -24.12
CA LEU B 30 -11.56 -12.35 -23.97
C LEU B 30 -12.05 -11.64 -25.23
N LYS B 31 -11.12 -11.06 -25.99
CA LYS B 31 -11.40 -10.49 -27.31
C LYS B 31 -12.15 -9.14 -27.28
N ASP B 32 -13.34 -9.13 -26.71
CA ASP B 32 -14.19 -7.95 -26.66
C ASP B 32 -14.29 -7.42 -25.23
N TYR B 33 -13.92 -6.16 -25.06
CA TYR B 33 -13.95 -5.50 -23.76
C TYR B 33 -13.94 -3.98 -23.90
N THR B 34 -14.54 -3.31 -22.92
CA THR B 34 -14.51 -1.86 -22.78
C THR B 34 -13.47 -1.47 -21.74
N LYS B 35 -13.08 -0.20 -21.73
CA LYS B 35 -12.10 0.30 -20.75
C LYS B 35 -12.43 1.68 -20.17
N ILE B 36 -12.15 1.86 -18.88
CA ILE B 36 -12.33 3.13 -18.18
C ILE B 36 -11.00 3.57 -17.59
N GLU B 37 -10.68 4.85 -17.76
CA GLU B 37 -9.47 5.44 -17.20
CA GLU B 37 -9.47 5.48 -17.21
C GLU B 37 -9.83 5.97 -15.80
N HIS B 38 -9.15 5.46 -14.78
CA HIS B 38 -9.43 5.85 -13.39
C HIS B 38 -8.23 5.56 -12.49
N ALA B 39 -8.00 6.41 -11.49
CA ALA B 39 -6.93 6.20 -10.52
C ALA B 39 -5.56 6.02 -11.19
N ASN B 40 -5.30 6.84 -12.22
CA ASN B 40 -4.04 6.85 -12.95
CA ASN B 40 -4.03 6.84 -12.95
C ASN B 40 -3.69 5.46 -13.52
N ASN B 41 -4.72 4.79 -14.03
CA ASN B 41 -4.61 3.45 -14.59
C ASN B 41 -5.78 3.24 -15.54
N THR B 42 -5.81 2.08 -16.19
CA THR B 42 -6.93 1.66 -17.03
C THR B 42 -7.55 0.41 -16.45
N TYR B 43 -8.88 0.41 -16.35
CA TYR B 43 -9.65 -0.74 -15.88
C TYR B 43 -10.47 -1.28 -17.06
N TYR B 44 -10.43 -2.60 -17.26
CA TYR B 44 -11.03 -3.27 -18.41
C TYR B 44 -12.25 -4.05 -17.98
N PHE B 45 -13.28 -4.09 -18.85
CA PHE B 45 -14.57 -4.73 -18.50
C PHE B 45 -15.04 -5.64 -19.62
N ALA B 46 -15.44 -6.87 -19.25
CA ALA B 46 -15.91 -7.85 -20.23
C ALA B 46 -16.90 -8.80 -19.59
N LYS B 47 -17.72 -9.43 -20.43
CA LYS B 47 -18.64 -10.48 -20.00
C LYS B 47 -18.03 -11.85 -20.34
N TYR B 48 -18.10 -12.80 -19.42
CA TYR B 48 -17.51 -14.13 -19.63
C TYR B 48 -18.26 -15.20 -18.84
N LYS B 49 -18.98 -16.06 -19.54
CA LYS B 49 -19.74 -17.18 -18.95
C LYS B 49 -20.69 -16.72 -17.83
N ASP B 50 -21.52 -15.73 -18.16
CA ASP B 50 -22.51 -15.17 -17.22
C ASP B 50 -21.87 -14.44 -16.02
N HIS B 51 -20.64 -13.94 -16.20
CA HIS B 51 -19.95 -13.13 -15.20
C HIS B 51 -19.47 -11.84 -15.84
N GLU B 52 -19.65 -10.73 -15.15
CA GLU B 52 -18.97 -9.49 -15.52
C GLU B 52 -17.58 -9.55 -14.88
N LEU B 53 -16.55 -9.40 -15.70
CA LEU B 53 -15.17 -9.32 -15.23
C LEU B 53 -14.69 -7.87 -15.23
N VAL B 54 -13.91 -7.51 -14.22
CA VAL B 54 -13.15 -6.26 -14.21
C VAL B 54 -11.66 -6.65 -14.11
N LEU B 55 -10.85 -6.16 -15.04
CA LEU B 55 -9.43 -6.51 -15.11
C LEU B 55 -8.54 -5.28 -15.07
N ALA B 56 -7.35 -5.46 -14.52
CA ALA B 56 -6.34 -4.41 -14.52
C ALA B 56 -4.96 -4.99 -14.24
N TYR B 57 -3.94 -4.28 -14.69
CA TYR B 57 -2.60 -4.43 -14.13
C TYR B 57 -2.35 -3.20 -13.26
N SER B 58 -1.97 -3.44 -12.00
CA SER B 58 -1.87 -2.36 -11.00
C SER B 58 -0.68 -1.42 -11.12
N LYS B 59 0.37 -1.88 -11.80
CA LYS B 59 1.74 -1.36 -11.68
C LYS B 59 2.39 -1.99 -10.45
N ILE B 60 3.71 -1.97 -10.42
CA ILE B 60 4.47 -2.83 -9.50
C ILE B 60 4.37 -2.38 -8.05
N GLY B 61 4.24 -3.35 -7.16
CA GLY B 61 4.48 -3.12 -5.74
C GLY B 61 3.26 -3.00 -4.86
N LYS B 62 3.52 -2.77 -3.58
CA LYS B 62 2.47 -2.93 -2.57
C LYS B 62 1.43 -1.82 -2.62
N VAL B 63 1.90 -0.58 -2.74
CA VAL B 63 0.97 0.56 -2.79
C VAL B 63 0.09 0.50 -4.04
N ASN B 64 0.71 0.27 -5.19
CA ASN B 64 -0.05 0.24 -6.44
C ASN B 64 -1.11 -0.87 -6.43
N SER B 65 -0.72 -2.05 -5.94
CA SER B 65 -1.63 -3.18 -5.93
C SER B 65 -2.77 -2.98 -4.89
N THR B 66 -2.44 -2.40 -3.74
CA THR B 66 -3.44 -2.04 -2.75
C THR B 66 -4.49 -1.11 -3.34
N LEU B 67 -4.02 -0.07 -4.06
CA LEU B 67 -4.94 0.89 -4.65
C LEU B 67 -5.85 0.25 -5.68
N SER B 68 -5.29 -0.57 -6.57
CA SER B 68 -6.11 -1.21 -7.59
C SER B 68 -7.14 -2.15 -6.99
N ALA B 69 -6.75 -2.95 -5.99
CA ALA B 69 -7.69 -3.87 -5.36
C ALA B 69 -8.85 -3.09 -4.73
N SER B 70 -8.51 -1.98 -4.04
CA SER B 70 -9.50 -1.12 -3.39
CA SER B 70 -9.51 -1.15 -3.38
C SER B 70 -10.45 -0.49 -4.40
N VAL B 71 -9.90 -0.03 -5.53
CA VAL B 71 -10.71 0.57 -6.60
C VAL B 71 -11.66 -0.47 -7.20
N MET B 72 -11.16 -1.67 -7.46
CA MET B 72 -11.97 -2.69 -8.12
C MET B 72 -13.16 -3.10 -7.27
N ILE B 73 -12.97 -3.10 -5.95
CA ILE B 73 -14.02 -3.46 -5.00
C ILE B 73 -14.91 -2.25 -4.70
N GLU B 74 -14.32 -1.15 -4.24
CA GLU B 74 -15.10 0.00 -3.76
C GLU B 74 -15.80 0.78 -4.87
N LYS B 75 -15.16 0.91 -6.03
CA LYS B 75 -15.74 1.63 -7.17
C LYS B 75 -16.47 0.69 -8.12
N PHE B 76 -15.82 -0.38 -8.56
CA PHE B 76 -16.38 -1.23 -9.61
C PHE B 76 -17.12 -2.48 -9.08
N GLY B 77 -17.27 -2.59 -7.76
CA GLY B 77 -18.16 -3.59 -7.13
C GLY B 77 -17.76 -5.06 -7.26
N ALA B 78 -16.47 -5.32 -7.36
CA ALA B 78 -15.99 -6.70 -7.44
C ALA B 78 -16.41 -7.48 -6.19
N GLN B 79 -16.96 -8.68 -6.41
CA GLN B 79 -17.41 -9.56 -5.32
C GLN B 79 -16.45 -10.71 -5.03
N VAL B 80 -15.54 -10.96 -5.98
CA VAL B 80 -14.43 -11.89 -5.77
CA VAL B 80 -14.47 -11.95 -5.88
C VAL B 80 -13.24 -11.32 -6.52
N LEU B 81 -12.04 -11.62 -6.03
CA LEU B 81 -10.82 -11.14 -6.70
C LEU B 81 -9.85 -12.29 -6.88
N LEU B 82 -9.42 -12.48 -8.14
CA LEU B 82 -8.38 -13.46 -8.48
C LEU B 82 -7.15 -12.68 -8.90
N PHE B 83 -6.03 -12.90 -8.22
CA PHE B 83 -4.76 -12.30 -8.61
C PHE B 83 -3.96 -13.32 -9.42
N THR B 84 -3.39 -12.84 -10.52
CA THR B 84 -2.60 -13.68 -11.42
C THR B 84 -1.28 -12.97 -11.76
N GLY B 85 -0.19 -13.73 -11.73
CA GLY B 85 1.07 -13.22 -12.17
C GLY B 85 2.21 -14.17 -11.90
N VAL B 86 3.42 -13.62 -11.83
CA VAL B 86 4.64 -14.40 -11.65
C VAL B 86 5.25 -14.18 -10.27
N ALA B 87 6.20 -15.01 -9.88
CA ALA B 87 6.87 -14.87 -8.57
C ALA B 87 8.28 -15.45 -8.63
N GLY B 88 9.08 -15.10 -7.62
CA GLY B 88 10.40 -15.69 -7.41
C GLY B 88 10.32 -16.90 -6.52
N ALA B 89 10.81 -18.05 -7.00
CA ALA B 89 10.77 -19.28 -6.21
C ALA B 89 11.77 -19.28 -5.06
N PHE B 90 11.31 -19.66 -3.87
CA PHE B 90 12.16 -19.96 -2.71
C PHE B 90 12.27 -21.45 -2.42
N ASN B 91 11.15 -22.17 -2.48
CA ASN B 91 11.14 -23.61 -2.22
C ASN B 91 11.96 -24.29 -3.31
N PRO B 92 13.00 -25.07 -2.93
CA PRO B 92 13.87 -25.70 -3.94
C PRO B 92 13.18 -26.71 -4.87
N GLU B 93 12.00 -27.22 -4.49
CA GLU B 93 11.23 -28.10 -5.36
C GLU B 93 10.52 -27.36 -6.49
N LEU B 94 10.37 -26.04 -6.40
CA LEU B 94 9.74 -25.26 -7.45
C LEU B 94 10.68 -25.04 -8.63
N GLU B 95 10.17 -25.26 -9.84
CA GLU B 95 10.88 -24.91 -11.06
C GLU B 95 10.19 -23.74 -11.75
N ILE B 96 10.96 -23.07 -12.62
CA ILE B 96 10.41 -22.00 -13.44
C ILE B 96 9.19 -22.54 -14.21
N GLY B 97 8.09 -21.77 -14.18
CA GLY B 97 6.83 -22.16 -14.78
C GLY B 97 5.84 -22.83 -13.85
N ASP B 98 6.30 -23.31 -12.68
CA ASP B 98 5.41 -24.01 -11.76
C ASP B 98 4.43 -23.06 -11.11
N LEU B 99 3.20 -23.52 -10.92
CA LEU B 99 2.13 -22.75 -10.26
C LEU B 99 2.09 -22.98 -8.76
N LEU B 100 1.91 -21.88 -8.03
CA LEU B 100 1.78 -21.89 -6.59
C LEU B 100 0.64 -20.96 -6.23
N TYR B 101 -0.33 -21.45 -5.45
CA TYR B 101 -1.31 -20.56 -4.84
C TYR B 101 -0.98 -20.35 -3.37
N ALA B 102 -1.25 -19.14 -2.87
CA ALA B 102 -0.94 -18.79 -1.50
C ALA B 102 -2.07 -19.21 -0.57
N THR B 103 -1.77 -20.00 0.45
CA THR B 103 -2.69 -20.24 1.56
C THR B 103 -2.73 -19.01 2.47
N LYS B 104 -1.55 -18.39 2.64
CA LYS B 104 -1.43 -17.16 3.42
C LYS B 104 -0.16 -16.42 3.00
N LEU B 105 -0.11 -15.12 3.32
CA LEU B 105 0.97 -14.24 2.87
C LEU B 105 1.36 -13.30 4.00
N ALA B 106 2.60 -12.83 3.95
CA ALA B 106 3.14 -11.88 4.91
C ALA B 106 3.89 -10.81 4.16
N GLN B 107 4.00 -9.64 4.77
CA GLN B 107 4.87 -8.57 4.28
C GLN B 107 6.23 -8.66 5.00
N TYR B 108 7.24 -9.18 4.31
CA TYR B 108 8.56 -9.36 4.94
C TYR B 108 9.30 -8.05 5.26
N ASP B 109 8.89 -6.94 4.63
CA ASP B 109 9.54 -5.64 4.82
C ASP B 109 8.73 -4.66 5.65
N LEU B 110 7.71 -5.16 6.34
CA LEU B 110 6.94 -4.35 7.28
C LEU B 110 7.57 -4.58 8.64
N ASP B 111 8.26 -3.57 9.15
CA ASP B 111 9.26 -3.74 10.22
C ASP B 111 9.16 -2.66 11.28
N ILE B 112 8.51 -2.98 12.38
CA ILE B 112 8.55 -2.13 13.59
C ILE B 112 9.14 -2.95 14.74
N THR B 113 10.11 -3.79 14.38
CA THR B 113 10.77 -4.69 15.34
C THR B 113 11.52 -3.94 16.44
N ALA B 114 11.86 -2.68 16.22
CA ALA B 114 12.47 -1.86 17.29
C ALA B 114 11.64 -1.82 18.58
N PHE B 115 10.32 -1.99 18.46
CA PHE B 115 9.41 -1.96 19.60
C PHE B 115 9.13 -3.34 20.19
N GLY B 116 9.77 -4.37 19.64
CA GLY B 116 9.69 -5.74 20.16
C GLY B 116 8.86 -6.71 19.34
N HIS B 117 8.15 -6.20 18.32
CA HIS B 117 7.25 -7.02 17.49
C HIS B 117 8.01 -7.92 16.53
N PRO B 118 7.39 -9.05 16.13
CA PRO B 118 7.97 -9.84 15.05
C PRO B 118 7.97 -9.07 13.73
N LEU B 119 8.89 -9.45 12.85
CA LEU B 119 8.91 -8.93 11.49
C LEU B 119 7.58 -9.26 10.78
N GLY B 120 7.04 -8.27 10.07
CA GLY B 120 5.78 -8.40 9.37
C GLY B 120 4.53 -7.99 10.14
N PHE B 121 4.69 -7.65 11.43
CA PHE B 121 3.56 -7.35 12.29
C PHE B 121 3.39 -5.86 12.56
N VAL B 122 2.16 -5.36 12.40
CA VAL B 122 1.76 -4.10 13.04
C VAL B 122 0.45 -4.29 13.83
N PRO B 123 0.27 -3.50 14.90
CA PRO B 123 -0.93 -3.66 15.74
C PRO B 123 -2.22 -3.54 14.96
N GLY B 124 -3.18 -4.42 15.26
CA GLY B 124 -4.46 -4.40 14.57
C GLY B 124 -4.54 -5.40 13.44
N ASN B 125 -3.39 -5.83 12.92
CA ASN B 125 -3.30 -6.80 11.83
C ASN B 125 -2.56 -8.05 12.36
N GLU B 126 -2.34 -9.02 11.49
CA GLU B 126 -1.55 -10.20 11.86
C GLU B 126 -0.37 -10.30 10.93
N ILE B 127 0.58 -11.17 11.29
CA ILE B 127 1.76 -11.43 10.45
C ILE B 127 1.29 -11.99 9.10
N PHE B 128 0.43 -12.99 9.15
CA PHE B 128 -0.08 -13.64 7.95
C PHE B 128 -1.51 -13.28 7.66
N ILE B 129 -1.79 -13.01 6.39
CA ILE B 129 -3.13 -12.77 5.89
C ILE B 129 -3.54 -13.99 5.05
N LYS B 130 -4.71 -14.56 5.36
CA LYS B 130 -5.21 -15.76 4.67
C LYS B 130 -5.99 -15.40 3.41
N THR B 131 -5.94 -16.30 2.44
CA THR B 131 -6.79 -16.28 1.27
C THR B 131 -8.05 -17.13 1.55
N ASP B 132 -8.97 -17.13 0.60
CA ASP B 132 -10.27 -17.76 0.79
C ASP B 132 -10.19 -19.27 0.58
N GLU B 133 -10.56 -20.03 1.60
CA GLU B 133 -10.52 -21.51 1.57
C GLU B 133 -11.34 -22.10 0.44
N LYS B 134 -12.54 -21.56 0.22
CA LYS B 134 -13.41 -22.09 -0.84
C LYS B 134 -12.88 -21.82 -2.25
N LEU B 135 -12.29 -20.65 -2.49
CA LEU B 135 -11.62 -20.39 -3.77
C LEU B 135 -10.40 -21.29 -3.98
N ASN B 136 -9.63 -21.50 -2.91
CA ASN B 136 -8.47 -22.39 -2.93
C ASN B 136 -8.89 -23.83 -3.27
N ASN B 137 -10.00 -24.28 -2.67
CA ASN B 137 -10.52 -25.63 -2.97
C ASN B 137 -11.01 -25.76 -4.41
N LEU B 138 -11.62 -24.69 -4.93
CA LEU B 138 -11.98 -24.62 -6.35
C LEU B 138 -10.76 -24.73 -7.28
N ALA B 139 -9.66 -24.09 -6.90
CA ALA B 139 -8.43 -24.18 -7.67
C ALA B 139 -7.92 -25.62 -7.72
N LEU B 140 -8.00 -26.34 -6.60
CA LEU B 140 -7.61 -27.75 -6.57
C LEU B 140 -8.47 -28.58 -7.54
N GLU B 141 -9.76 -28.32 -7.55
CA GLU B 141 -10.68 -28.96 -8.50
C GLU B 141 -10.31 -28.66 -9.96
N VAL B 142 -9.99 -27.40 -10.27
CA VAL B 142 -9.59 -27.01 -11.62
C VAL B 142 -8.28 -27.70 -12.01
N ALA B 143 -7.32 -27.72 -11.10
CA ALA B 143 -6.02 -28.38 -11.33
C ALA B 143 -6.20 -29.88 -11.60
N LYS B 144 -7.05 -30.53 -10.81
CA LYS B 144 -7.40 -31.95 -11.01
C LYS B 144 -8.02 -32.16 -12.39
N GLU B 145 -9.01 -31.33 -12.73
CA GLU B 145 -9.72 -31.47 -14.00
C GLU B 145 -8.81 -31.30 -15.22
N LEU B 146 -7.88 -30.33 -15.14
CA LEU B 146 -7.03 -29.98 -16.28
C LEU B 146 -5.65 -30.67 -16.29
N ASN B 147 -5.40 -31.56 -15.33
CA ASN B 147 -4.10 -32.24 -15.21
C ASN B 147 -2.95 -31.23 -15.13
N ILE B 148 -3.14 -30.21 -14.28
CA ILE B 148 -2.13 -29.18 -14.03
C ILE B 148 -1.61 -29.38 -12.62
N LYS B 149 -0.29 -29.41 -12.50
CA LYS B 149 0.38 -29.49 -11.20
C LYS B 149 0.18 -28.14 -10.48
N LEU B 150 -0.32 -28.19 -9.25
CA LEU B 150 -0.58 -26.97 -8.45
C LEU B 150 -0.14 -27.20 -7.01
N ARG B 151 0.74 -26.33 -6.52
CA ARG B 151 1.25 -26.41 -5.14
C ARG B 151 0.59 -25.31 -4.31
N ALA B 152 0.32 -25.64 -3.04
CA ALA B 152 -0.12 -24.67 -2.04
C ALA B 152 1.08 -24.25 -1.21
N GLY B 153 1.13 -22.98 -0.84
CA GLY B 153 2.21 -22.52 0.01
C GLY B 153 2.06 -21.12 0.56
N ILE B 154 3.13 -20.67 1.20
CA ILE B 154 3.19 -19.36 1.82
C ILE B 154 3.97 -18.43 0.89
N ILE B 155 3.44 -17.24 0.66
CA ILE B 155 4.11 -16.23 -0.16
C ILE B 155 4.53 -15.05 0.72
N ALA B 156 5.77 -14.62 0.53
CA ALA B 156 6.31 -13.44 1.22
C ALA B 156 6.32 -12.29 0.23
N THR B 157 5.70 -11.19 0.63
CA THR B 157 5.53 -10.01 -0.20
C THR B 157 6.36 -8.86 0.35
N GLY B 158 7.00 -8.10 -0.53
CA GLY B 158 7.68 -6.88 -0.12
C GLY B 158 7.98 -6.05 -1.34
N ASP B 159 8.49 -4.84 -1.13
CA ASP B 159 8.72 -3.88 -2.23
C ASP B 159 10.13 -3.92 -2.79
N GLU B 160 10.77 -5.08 -2.74
CA GLU B 160 12.09 -5.28 -3.36
C GLU B 160 12.03 -6.43 -4.33
N PHE B 161 12.71 -6.30 -5.48
CA PHE B 161 12.97 -7.47 -6.32
C PHE B 161 14.12 -8.23 -5.69
N ILE B 162 13.86 -9.47 -5.29
CA ILE B 162 14.86 -10.27 -4.56
C ILE B 162 15.72 -11.04 -5.56
N CYS B 163 17.03 -10.80 -5.50
CA CYS B 163 17.96 -11.46 -6.40
C CYS B 163 19.32 -11.65 -5.68
N ASP B 164 19.22 -12.23 -4.49
CA ASP B 164 20.34 -12.38 -3.57
C ASP B 164 20.08 -13.64 -2.76
N GLU B 165 21.04 -14.56 -2.78
CA GLU B 165 20.86 -15.85 -2.12
C GLU B 165 20.69 -15.71 -0.61
N ALA B 166 21.44 -14.81 0.02
CA ALA B 166 21.35 -14.62 1.47
C ALA B 166 19.99 -14.04 1.90
N LYS B 167 19.51 -13.03 1.17
CA LYS B 167 18.21 -12.45 1.49
C LYS B 167 17.08 -13.45 1.30
N LYS B 168 17.12 -14.17 0.19
CA LYS B 168 16.19 -15.27 -0.11
C LYS B 168 16.13 -16.24 1.07
N ALA B 169 17.30 -16.69 1.52
CA ALA B 169 17.35 -17.65 2.62
C ALA B 169 16.76 -17.10 3.94
N LYS B 170 17.06 -15.84 4.25
CA LYS B 170 16.54 -15.19 5.44
CA LYS B 170 16.54 -15.19 5.46
C LYS B 170 15.01 -15.13 5.45
N ILE B 171 14.44 -14.64 4.35
CA ILE B 171 12.99 -14.50 4.27
C ILE B 171 12.32 -15.87 4.29
N ARG B 172 12.88 -16.82 3.56
CA ARG B 172 12.36 -18.18 3.57
C ARG B 172 12.35 -18.74 5.00
N GLU B 173 13.43 -18.55 5.75
CA GLU B 173 13.52 -19.09 7.12
C GLU B 173 12.52 -18.44 8.06
N ILE B 174 12.41 -17.12 8.02
CA ILE B 174 11.54 -16.39 8.96
C ILE B 174 10.06 -16.73 8.77
N PHE B 175 9.62 -16.83 7.52
CA PHE B 175 8.21 -16.96 7.20
C PHE B 175 7.82 -18.36 6.69
N ASN B 176 8.81 -19.24 6.50
CA ASN B 176 8.61 -20.50 5.78
C ASN B 176 7.97 -20.25 4.41
N ALA B 177 8.43 -19.19 3.73
CA ALA B 177 7.86 -18.79 2.46
C ALA B 177 8.37 -19.66 1.32
N ASP B 178 7.47 -20.01 0.42
CA ASP B 178 7.76 -20.81 -0.77
C ASP B 178 8.11 -19.96 -1.96
N ALA B 179 7.75 -18.67 -1.93
CA ALA B 179 8.05 -17.75 -3.04
C ALA B 179 7.91 -16.32 -2.56
N CYS B 180 8.44 -15.40 -3.36
CA CYS B 180 8.31 -13.98 -3.08
C CYS B 180 7.74 -13.23 -4.27
N GLU B 181 7.16 -12.07 -3.96
CA GLU B 181 6.61 -11.19 -4.97
C GLU B 181 6.32 -9.84 -4.30
N MET B 182 5.68 -8.92 -5.01
CA MET B 182 5.58 -7.54 -4.55
C MET B 182 4.16 -7.01 -4.41
N GLU B 183 3.16 -7.89 -4.47
CA GLU B 183 1.74 -7.48 -4.49
C GLU B 183 0.75 -8.39 -3.76
N GLY B 184 1.12 -9.62 -3.40
CA GLY B 184 0.10 -10.57 -2.95
C GLY B 184 -0.49 -10.26 -1.59
N ALA B 185 0.37 -10.00 -0.61
CA ALA B 185 -0.09 -9.77 0.77
C ALA B 185 -0.94 -8.52 0.87
N SER B 186 -0.54 -7.50 0.12
CA SER B 186 -1.28 -6.25 0.07
C SER B 186 -2.67 -6.45 -0.54
N VAL B 187 -2.75 -7.16 -1.66
CA VAL B 187 -4.04 -7.42 -2.31
C VAL B 187 -4.91 -8.27 -1.38
N ALA B 188 -4.33 -9.33 -0.79
CA ALA B 188 -5.08 -10.20 0.12
C ALA B 188 -5.62 -9.43 1.32
N LEU B 189 -4.82 -8.51 1.87
CA LEU B 189 -5.25 -7.68 2.99
C LEU B 189 -6.44 -6.82 2.63
N VAL B 190 -6.39 -6.15 1.47
CA VAL B 190 -7.51 -5.34 1.01
C VAL B 190 -8.76 -6.18 0.88
N CYS B 191 -8.66 -7.32 0.21
CA CYS B 191 -9.82 -8.19 0.00
C CYS B 191 -10.43 -8.65 1.31
N ASP B 192 -9.59 -9.10 2.22
CA ASP B 192 -10.06 -9.53 3.54
C ASP B 192 -10.77 -8.39 4.29
N ALA B 193 -10.18 -7.18 4.25
CA ALA B 193 -10.75 -6.03 4.93
C ALA B 193 -12.12 -5.65 4.37
N LEU B 194 -12.29 -5.80 3.06
CA LEU B 194 -13.53 -5.44 2.36
C LEU B 194 -14.52 -6.62 2.16
N LYS B 195 -14.22 -7.75 2.78
CA LYS B 195 -15.10 -8.93 2.78
C LYS B 195 -15.30 -9.53 1.39
N VAL B 196 -14.22 -9.54 0.61
CA VAL B 196 -14.23 -10.07 -0.75
C VAL B 196 -13.30 -11.28 -0.77
N PRO B 197 -13.83 -12.46 -1.16
CA PRO B 197 -12.97 -13.64 -1.32
C PRO B 197 -11.84 -13.42 -2.30
N CYS B 198 -10.62 -13.78 -1.89
CA CYS B 198 -9.39 -13.55 -2.65
C CYS B 198 -8.63 -14.84 -2.91
N PHE B 199 -8.14 -14.98 -4.14
CA PHE B 199 -7.27 -16.08 -4.56
C PHE B 199 -6.00 -15.44 -5.14
N ILE B 200 -4.84 -15.88 -4.66
CA ILE B 200 -3.54 -15.38 -5.16
C ILE B 200 -2.80 -16.53 -5.84
N LEU B 201 -2.63 -16.43 -7.16
CA LEU B 201 -1.90 -17.43 -7.94
C LEU B 201 -0.65 -16.82 -8.56
N ARG B 202 0.45 -17.57 -8.49
CA ARG B 202 1.72 -17.17 -9.08
C ARG B 202 2.37 -18.32 -9.85
N ALA B 203 2.89 -18.01 -11.03
CA ALA B 203 3.78 -18.93 -11.75
C ALA B 203 5.22 -18.47 -11.62
N MET B 204 6.15 -19.39 -11.34
CA MET B 204 7.53 -18.98 -11.06
C MET B 204 8.20 -18.46 -12.33
N SER B 205 8.81 -17.27 -12.26
CA SER B 205 9.62 -16.69 -13.36
C SER B 205 11.13 -16.78 -13.12
N ASP B 206 11.53 -17.08 -11.89
CA ASP B 206 12.93 -17.05 -11.48
C ASP B 206 13.06 -17.70 -10.10
N LYS B 207 14.29 -17.83 -9.62
CA LYS B 207 14.57 -18.44 -8.32
C LYS B 207 15.13 -17.45 -7.30
N ALA B 208 14.95 -16.15 -7.57
CA ALA B 208 15.13 -15.10 -6.58
C ALA B 208 16.54 -15.03 -5.96
N GLY B 209 17.53 -15.54 -6.69
CA GLY B 209 18.92 -15.56 -6.25
C GLY B 209 19.79 -14.84 -7.25
N GLU B 210 21.05 -15.23 -7.35
CA GLU B 210 21.96 -14.60 -8.29
C GLU B 210 21.43 -14.80 -9.71
N LYS B 211 21.49 -13.74 -10.51
CA LYS B 211 20.97 -13.74 -11.89
C LYS B 211 19.45 -13.87 -12.02
N ALA B 212 18.69 -13.70 -10.92
CA ALA B 212 17.23 -13.76 -11.01
C ALA B 212 16.65 -12.70 -11.94
N GLU B 213 17.28 -11.52 -12.02
CA GLU B 213 16.84 -10.48 -12.94
C GLU B 213 16.89 -10.90 -14.41
N PHE B 214 17.87 -11.75 -14.76
CA PHE B 214 17.97 -12.28 -16.12
C PHE B 214 16.96 -13.39 -16.38
N ASP B 215 16.75 -14.28 -15.42
CA ASP B 215 15.70 -15.30 -15.56
C ASP B 215 14.33 -14.64 -15.66
N PHE B 216 14.09 -13.62 -14.83
CA PHE B 216 12.81 -12.93 -14.87
C PHE B 216 12.51 -12.40 -16.29
N ASP B 217 13.47 -11.67 -16.87
CA ASP B 217 13.26 -11.11 -18.21
C ASP B 217 13.02 -12.22 -19.25
N GLU B 218 13.72 -13.35 -19.11
CA GLU B 218 13.56 -14.46 -20.06
C GLU B 218 12.21 -15.17 -19.97
N PHE B 219 11.68 -15.31 -18.76
CA PHE B 219 10.53 -16.19 -18.52
C PHE B 219 9.22 -15.52 -18.12
N VAL B 220 9.24 -14.20 -17.87
CA VAL B 220 8.01 -13.52 -17.43
C VAL B 220 6.82 -13.69 -18.38
N ILE B 221 7.06 -13.55 -19.69
CA ILE B 221 5.97 -13.64 -20.65
C ILE B 221 5.29 -15.01 -20.60
N ASN B 222 6.07 -16.09 -20.66
CA ASN B 222 5.48 -17.42 -20.65
C ASN B 222 4.86 -17.80 -19.31
N SER B 223 5.57 -17.53 -18.21
CA SER B 223 5.02 -17.85 -16.90
C SER B 223 3.73 -17.06 -16.62
N ALA B 224 3.69 -15.81 -17.07
CA ALA B 224 2.49 -15.00 -16.91
C ALA B 224 1.27 -15.62 -17.62
N LYS B 225 1.52 -16.19 -18.80
CA LYS B 225 0.45 -16.86 -19.57
C LYS B 225 -0.10 -18.09 -18.85
N ILE B 226 0.78 -18.85 -18.21
CA ILE B 226 0.38 -20.06 -17.48
C ILE B 226 -0.59 -19.71 -16.35
N SER B 227 -0.22 -18.72 -15.53
CA SER B 227 -1.07 -18.26 -14.44
C SER B 227 -2.42 -17.68 -14.94
N ALA B 228 -2.33 -16.85 -15.98
CA ALA B 228 -3.51 -16.20 -16.56
C ALA B 228 -4.54 -17.21 -17.03
N ASN B 229 -4.06 -18.20 -17.80
CA ASN B 229 -4.94 -19.27 -18.28
C ASN B 229 -5.69 -19.93 -17.15
N PHE B 230 -4.98 -20.24 -16.06
CA PHE B 230 -5.56 -20.94 -14.94
C PHE B 230 -6.69 -20.15 -14.26
N VAL B 231 -6.44 -18.87 -13.96
CA VAL B 231 -7.48 -18.05 -13.30
C VAL B 231 -8.73 -17.87 -14.16
N LEU B 232 -8.56 -17.80 -15.48
CA LEU B 232 -9.71 -17.76 -16.39
C LEU B 232 -10.52 -19.07 -16.38
N LYS B 233 -9.83 -20.20 -16.25
CA LYS B 233 -10.54 -21.48 -16.09
C LYS B 233 -11.33 -21.51 -14.79
N MET B 234 -10.81 -20.89 -13.74
CA MET B 234 -11.52 -20.74 -12.47
C MET B 234 -12.82 -19.94 -12.61
N CYS B 235 -12.79 -18.89 -13.44
CA CYS B 235 -13.98 -18.06 -13.73
C CYS B 235 -15.15 -18.88 -14.31
N GLU B 236 -14.84 -19.93 -15.07
CA GLU B 236 -15.87 -20.82 -15.62
C GLU B 236 -16.61 -21.60 -14.53
N LYS B 237 -15.90 -21.99 -13.47
CA LYS B 237 -16.46 -22.78 -12.38
C LYS B 237 -17.08 -21.95 -11.24
N LEU B 238 -16.94 -20.62 -11.28
CA LEU B 238 -17.61 -19.74 -10.31
C LEU B 238 -19.05 -19.42 -10.76
C2 TDI C . 9.61 5.73 10.79
C4 TDI C . 8.40 7.19 12.07
C5 TDI C . 9.57 7.47 12.89
C6 TDI C . 10.80 6.79 12.52
CS5 TDI C . 5.27 2.52 15.91
S TDI C . 5.99 2.62 14.29
C5' TDI C . 6.05 4.39 14.10
C4' TDI C . 4.71 5.02 13.68
C1' TDI C . 4.75 6.54 13.76
N1' TDI C . 5.22 6.88 12.42
C10 TDI C . 5.86 8.13 12.15
C9 TDI C . 7.29 8.00 12.60
C8 TDI C . 7.86 8.68 13.67
N7 TDI C . 9.18 8.36 13.83
N6 TDI C . 11.94 6.99 13.20
N1 TDI C . 10.76 5.93 11.49
N3 TDI C . 8.44 6.32 11.04
C2' TDI C . 5.09 5.80 11.46
C3' TDI C . 4.32 4.76 12.23
O3' TDI C . 2.94 5.01 12.04
C2 TDI D . 10.27 -10.01 -6.26
C4 TDI D . 9.22 -11.04 -8.02
C5 TDI D . 10.39 -11.85 -8.29
C6 TDI D . 11.54 -11.65 -7.40
CS5 TDI D . 10.03 -5.88 -12.52
S TDI D . 9.90 -6.02 -10.75
C5' TDI D . 9.22 -7.66 -10.67
C4' TDI D . 7.70 -7.76 -10.92
C1' TDI D . 7.20 -9.20 -11.09
N1' TDI D . 6.97 -9.55 -9.67
C10 TDI D . 6.80 -10.91 -9.22
C9 TDI D . 8.22 -11.40 -9.03
C8 TDI D . 8.86 -12.36 -9.80
N7 TDI D . 10.12 -12.61 -9.37
N6 TDI D . 12.66 -12.36 -7.57
N1 TDI D . 11.42 -10.72 -6.43
N3 TDI D . 9.19 -10.12 -7.02
C2' TDI D . 6.77 -8.41 -8.78
C3' TDI D . 6.87 -7.26 -9.75
O3' TDI D . 5.55 -6.93 -10.17
C1 GOL E . 4.23 1.47 20.60
O1 GOL E . 5.43 1.73 21.32
C2 GOL E . 4.50 0.44 19.52
O2 GOL E . 4.83 -0.84 20.09
C3 GOL E . 3.30 0.30 18.59
O3 GOL E . 2.09 0.04 19.33
#